data_8ARL
#
_entry.id   8ARL
#
_cell.length_a   49.200
_cell.length_b   52.362
_cell.length_c   102.554
_cell.angle_alpha   90.000
_cell.angle_beta   90.000
_cell.angle_gamma   90.000
#
_symmetry.space_group_name_H-M   'P 21 21 21'
#
loop_
_entity.id
_entity.type
_entity.pdbx_description
1 polymer 'Tryptophan-rich antigen'
2 water water
#
_entity_poly.entity_id   1
_entity_poly.type   'polypeptide(L)'
_entity_poly.pdbx_seq_one_letter_code
;TGDDKSDEWKKNEWNNWLIKTEEDWKLFNTAVENKKNRWLEKRDKELEVWLMNMQNRWLHYRENEENEYKAEAMKNSATW
DDSQWEQWIKTEGKKGMEADLKKWLNDKETFLDGWISKEWVQWKNERMLQWLSVDWKHKEDETFEHYKSSKFTNVLHIKK
KKKWTKWKERTNKEKEEWNNWVKGKENLYVNNKWDKWLKWKKDKRALYSQKFLTFINKWISDKQWTVWIEDQGGSTLGTK
HHHHHH
;
_entity_poly.pdbx_strand_id   A
#
# COMPACT_ATOMS: atom_id res chain seq x y z
N ASP A 4 -43.88 -2.66 13.89
CA ASP A 4 -44.63 -2.81 12.63
C ASP A 4 -44.31 -4.10 11.90
N LYS A 5 -43.16 -4.12 11.24
CA LYS A 5 -42.87 -5.12 10.22
C LYS A 5 -42.44 -6.44 10.83
N SER A 6 -42.78 -7.52 10.13
CA SER A 6 -42.50 -8.87 10.59
C SER A 6 -41.01 -9.21 10.46
N ASP A 7 -40.61 -10.25 11.19
CA ASP A 7 -39.24 -10.74 11.10
C ASP A 7 -38.91 -11.18 9.68
N GLU A 8 -39.86 -11.79 8.98
CA GLU A 8 -39.60 -12.25 7.62
C GLU A 8 -39.39 -11.08 6.66
N TRP A 9 -40.17 -10.01 6.81
CA TRP A 9 -39.92 -8.80 6.04
C TRP A 9 -38.51 -8.26 6.29
N LYS A 10 -38.08 -8.28 7.55
CA LYS A 10 -36.76 -7.76 7.88
C LYS A 10 -35.65 -8.64 7.30
N LYS A 11 -35.85 -9.96 7.29
CA LYS A 11 -34.88 -10.85 6.65
C LYS A 11 -34.75 -10.52 5.17
N ASN A 12 -35.87 -10.34 4.47
CA ASN A 12 -35.82 -10.06 3.05
C ASN A 12 -35.17 -8.72 2.77
N GLU A 13 -35.40 -7.73 3.65
CA GLU A 13 -34.73 -6.44 3.48
C GLU A 13 -33.22 -6.59 3.55
N TRP A 14 -32.74 -7.46 4.45
CA TRP A 14 -31.31 -7.73 4.53
C TRP A 14 -30.81 -8.43 3.27
N ASN A 15 -31.56 -9.44 2.79
CA ASN A 15 -31.13 -10.17 1.60
C ASN A 15 -31.00 -9.24 0.40
N ASN A 16 -32.00 -8.37 0.20
CA ASN A 16 -31.93 -7.44 -0.93
C ASN A 16 -30.80 -6.44 -0.75
N TRP A 17 -30.56 -6.00 0.49
CA TRP A 17 -29.47 -5.06 0.74
C TRP A 17 -28.11 -5.69 0.44
N LEU A 18 -27.93 -6.95 0.82
CA LEU A 18 -26.67 -7.64 0.54
C LEU A 18 -26.45 -7.81 -0.96
N ILE A 19 -27.53 -8.05 -1.72
CA ILE A 19 -27.41 -8.16 -3.17
C ILE A 19 -26.93 -6.85 -3.76
N LYS A 20 -27.51 -5.73 -3.31
CA LYS A 20 -27.10 -4.43 -3.84
C LYS A 20 -25.70 -4.08 -3.40
N THR A 21 -25.29 -4.53 -2.21
CA THR A 21 -23.93 -4.28 -1.73
C THR A 21 -22.91 -5.00 -2.60
N GLU A 22 -23.19 -6.24 -2.98
CA GLU A 22 -22.29 -6.97 -3.87
C GLU A 22 -22.22 -6.30 -5.23
N GLU A 23 -23.35 -5.78 -5.73
CA GLU A 23 -23.32 -5.03 -6.97
C GLU A 23 -22.48 -3.76 -6.84
N ASP A 24 -22.70 -2.99 -5.77
CA ASP A 24 -21.92 -1.78 -5.53
C ASP A 24 -20.43 -2.09 -5.34
N TRP A 25 -20.11 -3.25 -4.76
CA TRP A 25 -18.71 -3.61 -4.59
C TRP A 25 -18.01 -3.74 -5.94
N LYS A 26 -18.71 -4.27 -6.94
CA LYS A 26 -18.09 -4.41 -8.27
C LYS A 26 -17.65 -3.07 -8.82
N LEU A 27 -18.44 -2.02 -8.61
CA LEU A 27 -18.04 -0.69 -9.06
C LEU A 27 -16.86 -0.17 -8.25
N PHE A 28 -16.88 -0.37 -6.93
CA PHE A 28 -15.75 0.04 -6.10
C PHE A 28 -14.47 -0.67 -6.54
N ASN A 29 -14.56 -1.97 -6.79
CA ASN A 29 -13.38 -2.74 -7.15
C ASN A 29 -12.82 -2.31 -8.51
N THR A 30 -13.71 -2.04 -9.47
CA THR A 30 -13.25 -1.56 -10.78
C THR A 30 -12.55 -0.22 -10.66
N ALA A 31 -13.09 0.67 -9.82
CA ALA A 31 -12.43 1.96 -9.59
C ALA A 31 -11.08 1.79 -8.93
N VAL A 32 -10.97 0.86 -7.98
CA VAL A 32 -9.69 0.61 -7.30
C VAL A 32 -8.67 0.08 -8.31
N GLU A 33 -9.07 -0.87 -9.16
CA GLU A 33 -8.14 -1.43 -10.14
C GLU A 33 -7.69 -0.36 -11.12
N ASN A 34 -8.61 0.52 -11.55
CA ASN A 34 -8.24 1.60 -12.45
C ASN A 34 -7.27 2.57 -11.78
N LYS A 35 -7.51 2.89 -10.51
CA LYS A 35 -6.61 3.78 -9.79
C LYS A 35 -5.24 3.13 -9.58
N LYS A 36 -5.20 1.84 -9.29
CA LYS A 36 -3.93 1.16 -9.12
C LYS A 36 -3.14 1.13 -10.42
N ASN A 37 -3.82 0.86 -11.54
CA ASN A 37 -3.12 0.81 -12.82
C ASN A 37 -2.57 2.18 -13.20
N ARG A 38 -3.33 3.24 -12.97
CA ARG A 38 -2.85 4.59 -13.27
C ARG A 38 -1.69 4.97 -12.36
N TRP A 39 -1.76 4.58 -11.08
CA TRP A 39 -0.66 4.82 -10.16
C TRP A 39 0.62 4.15 -10.66
N LEU A 40 0.52 2.91 -11.13
CA LEU A 40 1.69 2.21 -11.64
C LEU A 40 2.27 2.89 -12.86
N GLU A 41 1.40 3.38 -13.77
CA GLU A 41 1.88 4.14 -14.93
C GLU A 41 2.68 5.35 -14.49
N LYS A 42 2.20 6.06 -13.46
CA LYS A 42 2.92 7.24 -12.99
C LYS A 42 4.25 6.87 -12.32
N ARG A 43 4.38 5.63 -11.83
CA ARG A 43 5.67 5.20 -11.29
C ARG A 43 6.70 4.99 -12.39
N ASP A 44 6.27 4.64 -13.61
CA ASP A 44 7.20 4.58 -14.74
C ASP A 44 7.87 5.94 -14.94
N LYS A 45 7.06 7.01 -14.98
CA LYS A 45 7.60 8.35 -15.15
C LYS A 45 8.48 8.74 -13.97
N GLU A 46 8.02 8.47 -12.74
CA GLU A 46 8.79 8.87 -11.57
C GLU A 46 10.12 8.14 -11.50
N LEU A 47 10.14 6.85 -11.86
CA LEU A 47 11.39 6.10 -11.84
C LEU A 47 12.37 6.63 -12.88
N GLU A 48 11.87 6.99 -14.07
CA GLU A 48 12.74 7.55 -15.10
C GLU A 48 13.36 8.87 -14.63
N VAL A 49 12.56 9.74 -14.01
CA VAL A 49 13.08 10.99 -13.45
C VAL A 49 14.08 10.70 -12.35
N TRP A 50 13.76 9.73 -11.48
CA TRP A 50 14.65 9.38 -10.37
C TRP A 50 16.02 8.96 -10.87
N LEU A 51 16.06 8.17 -11.94
CA LEU A 51 17.34 7.71 -12.48
C LEU A 51 18.15 8.87 -13.05
N MET A 52 17.49 9.76 -13.79
CA MET A 52 18.18 10.92 -14.35
C MET A 52 18.78 11.79 -13.26
N ASN A 53 18.05 11.98 -12.16
CA ASN A 53 18.56 12.78 -11.04
C ASN A 53 19.72 12.07 -10.35
N MET A 54 19.60 10.75 -10.16
CA MET A 54 20.66 10.00 -9.49
C MET A 54 21.94 10.02 -10.31
N GLN A 55 21.84 9.82 -11.62
CA GLN A 55 23.01 9.84 -12.49
C GLN A 55 23.69 11.20 -12.44
N ASN A 56 22.90 12.28 -12.48
CA ASN A 56 23.48 13.62 -12.41
C ASN A 56 24.15 13.86 -11.06
N ARG A 57 23.58 13.30 -9.99
CA ARG A 57 24.22 13.46 -8.68
C ARG A 57 25.56 12.73 -8.61
N TRP A 58 25.69 11.60 -9.32
CA TRP A 58 26.95 10.87 -9.33
C TRP A 58 28.04 11.58 -10.13
N LEU A 59 27.70 12.64 -10.87
CA LEU A 59 28.71 13.35 -11.65
C LEU A 59 29.56 14.30 -10.81
N HIS A 60 29.09 14.66 -9.62
CA HIS A 60 29.77 15.67 -8.82
C HIS A 60 29.81 15.22 -7.36
N TYR A 61 30.68 15.88 -6.59
CA TYR A 61 30.79 15.70 -5.14
C TYR A 61 31.11 17.08 -4.56
N ARG A 62 30.11 17.96 -4.58
CA ARG A 62 30.31 19.31 -4.11
C ARG A 62 30.47 19.33 -2.58
N GLU A 63 31.06 20.42 -2.08
CA GLU A 63 31.43 20.48 -0.67
C GLU A 63 30.22 20.56 0.26
N ASN A 64 29.05 20.94 -0.26
CA ASN A 64 27.84 20.95 0.55
C ASN A 64 27.17 19.58 0.65
N GLU A 65 27.70 18.57 -0.03
CA GLU A 65 27.12 17.23 0.00
C GLU A 65 27.74 16.41 1.13
N GLU A 66 26.89 15.70 1.86
CA GLU A 66 27.32 14.72 2.85
C GLU A 66 26.88 13.34 2.37
N ASN A 67 27.86 12.47 2.10
CA ASN A 67 27.57 11.20 1.45
C ASN A 67 28.65 10.21 1.88
N GLU A 68 28.24 9.17 2.60
CA GLU A 68 29.20 8.23 3.17
C GLU A 68 29.94 7.44 2.08
N TYR A 69 29.24 7.11 0.99
CA TYR A 69 29.88 6.40 -0.11
C TYR A 69 30.98 7.24 -0.74
N LYS A 70 30.68 8.50 -1.07
CA LYS A 70 31.66 9.36 -1.71
C LYS A 70 32.83 9.66 -0.77
N ALA A 71 32.54 9.82 0.52
CA ALA A 71 33.62 10.04 1.49
C ALA A 71 34.54 8.82 1.57
N GLU A 72 33.94 7.63 1.57
CA GLU A 72 34.73 6.40 1.67
C GLU A 72 35.70 6.25 0.51
N ALA A 73 35.31 6.71 -0.68
CA ALA A 73 36.24 6.69 -1.80
C ALA A 73 37.24 7.84 -1.71
N MET A 74 36.77 9.03 -1.35
CA MET A 74 37.60 10.23 -1.42
C MET A 74 38.66 10.30 -0.33
N LYS A 75 38.58 9.48 0.73
CA LYS A 75 39.66 9.44 1.69
C LYS A 75 40.88 8.71 1.13
N ASN A 76 40.75 8.11 -0.05
CA ASN A 76 41.87 7.49 -0.74
C ASN A 76 42.27 8.27 -1.99
N SER A 77 41.68 9.45 -2.19
CA SER A 77 41.82 10.17 -3.45
C SER A 77 43.24 10.65 -3.72
N ALA A 78 44.08 10.74 -2.68
CA ALA A 78 45.48 11.11 -2.90
C ALA A 78 46.32 9.94 -3.36
N THR A 79 45.87 8.70 -3.14
CA THR A 79 46.69 7.53 -3.39
C THR A 79 46.17 6.61 -4.48
N TRP A 80 44.88 6.66 -4.78
CA TRP A 80 44.29 5.69 -5.71
C TRP A 80 44.70 5.98 -7.15
N ASP A 81 45.06 4.93 -7.88
CA ASP A 81 45.22 5.03 -9.32
C ASP A 81 43.87 4.81 -10.01
N ASP A 82 43.89 4.77 -11.34
CA ASP A 82 42.63 4.61 -12.08
C ASP A 82 41.98 3.26 -11.80
N SER A 83 42.79 2.19 -11.75
CA SER A 83 42.22 0.85 -11.57
C SER A 83 41.54 0.70 -10.22
N GLN A 84 41.98 1.44 -9.20
CA GLN A 84 41.34 1.35 -7.89
C GLN A 84 40.04 2.15 -7.84
N TRP A 85 39.97 3.27 -8.56
CA TRP A 85 38.69 3.96 -8.72
C TRP A 85 37.70 3.10 -9.47
N GLU A 86 38.16 2.41 -10.52
CA GLU A 86 37.29 1.54 -11.31
C GLU A 86 36.76 0.39 -10.47
N GLN A 87 37.63 -0.26 -9.70
CA GLN A 87 37.18 -1.35 -8.83
C GLN A 87 36.17 -0.85 -7.81
N TRP A 88 36.39 0.35 -7.26
CA TRP A 88 35.48 0.88 -6.25
C TRP A 88 34.09 1.10 -6.82
N ILE A 89 33.99 1.82 -7.94
CA ILE A 89 32.68 2.12 -8.51
C ILE A 89 31.96 0.85 -8.96
N LYS A 90 32.69 -0.16 -9.42
CA LYS A 90 32.04 -1.40 -9.87
C LYS A 90 31.53 -2.23 -8.70
N THR A 91 32.13 -2.08 -7.52
CA THR A 91 31.68 -2.83 -6.35
C THR A 91 30.82 -1.96 -5.45
N GLU A 92 31.45 -1.02 -4.75
CA GLU A 92 30.71 -0.18 -3.80
C GLU A 92 29.78 0.79 -4.51
N GLY A 93 30.21 1.30 -5.66
CA GLY A 93 29.35 2.22 -6.40
C GLY A 93 28.04 1.59 -6.81
N LYS A 94 28.12 0.43 -7.46
CA LYS A 94 26.90 -0.26 -7.88
C LYS A 94 26.07 -0.70 -6.68
N LYS A 95 26.72 -1.16 -5.61
CA LYS A 95 25.98 -1.58 -4.42
C LYS A 95 25.14 -0.44 -3.87
N GLY A 96 25.68 0.78 -3.89
CA GLY A 96 24.92 1.94 -3.43
C GLY A 96 23.76 2.29 -4.34
N MET A 97 23.97 2.22 -5.65
CA MET A 97 22.87 2.45 -6.59
C MET A 97 21.77 1.40 -6.42
N GLU A 98 22.16 0.15 -6.24
CA GLU A 98 21.18 -0.92 -6.05
C GLU A 98 20.42 -0.73 -4.74
N ALA A 99 21.12 -0.30 -3.69
CA ALA A 99 20.47 -0.08 -2.41
C ALA A 99 19.48 1.08 -2.48
N ASP A 100 19.84 2.14 -3.21
CA ASP A 100 18.93 3.27 -3.37
C ASP A 100 17.67 2.88 -4.11
N LEU A 101 17.81 2.07 -5.17
CA LEU A 101 16.64 1.60 -5.90
C LEU A 101 15.79 0.68 -5.04
N LYS A 102 16.42 -0.19 -4.24
CA LYS A 102 15.68 -1.08 -3.36
C LYS A 102 14.81 -0.29 -2.37
N LYS A 103 15.35 0.77 -1.78
CA LYS A 103 14.56 1.53 -0.82
C LYS A 103 13.50 2.38 -1.52
N TRP A 104 13.77 2.85 -2.74
CA TRP A 104 12.74 3.53 -3.52
C TRP A 104 11.54 2.62 -3.74
N LEU A 105 11.79 1.37 -4.15
CA LEU A 105 10.69 0.45 -4.41
C LEU A 105 9.94 0.09 -3.13
N ASN A 106 10.67 -0.10 -2.02
CA ASN A 106 10.01 -0.39 -0.75
C ASN A 106 9.15 0.78 -0.30
N ASP A 107 9.63 2.00 -0.51
CA ASP A 107 8.85 3.18 -0.17
C ASP A 107 7.54 3.22 -0.94
N LYS A 108 7.59 2.94 -2.25
CA LYS A 108 6.38 2.94 -3.06
C LYS A 108 5.45 1.81 -2.65
N GLU A 109 6.01 0.65 -2.32
CA GLU A 109 5.18 -0.47 -1.88
C GLU A 109 4.47 -0.15 -0.57
N THR A 110 5.15 0.56 0.33
CA THR A 110 4.54 0.95 1.60
C THR A 110 3.38 1.91 1.39
N PHE A 111 3.55 2.90 0.52
CA PHE A 111 2.45 3.81 0.21
C PHE A 111 1.28 3.05 -0.39
N LEU A 112 1.54 2.19 -1.37
CA LEU A 112 0.49 1.49 -2.09
C LEU A 112 -0.37 0.66 -1.13
N ASP A 113 0.28 -0.07 -0.22
CA ASP A 113 -0.47 -0.92 0.70
C ASP A 113 -1.30 -0.10 1.68
N GLY A 114 -0.76 1.01 2.16
CA GLY A 114 -1.52 1.86 3.08
C GLY A 114 -2.69 2.53 2.39
N TRP A 115 -2.48 3.00 1.16
CA TRP A 115 -3.54 3.69 0.42
C TRP A 115 -4.69 2.75 0.09
N ILE A 116 -4.38 1.58 -0.46
CA ILE A 116 -5.44 0.66 -0.89
C ILE A 116 -6.19 0.08 0.31
N SER A 117 -5.46 -0.33 1.35
CA SER A 117 -6.11 -0.91 2.52
C SER A 117 -7.03 0.10 3.20
N LYS A 118 -6.64 1.38 3.23
CA LYS A 118 -7.48 2.39 3.86
C LYS A 118 -8.72 2.70 3.03
N GLU A 119 -8.63 2.60 1.71
CA GLU A 119 -9.84 2.79 0.89
C GLU A 119 -10.84 1.68 1.15
N TRP A 120 -10.37 0.46 1.40
CA TRP A 120 -11.26 -0.66 1.68
C TRP A 120 -11.89 -0.52 3.06
N VAL A 121 -11.08 -0.15 4.07
CA VAL A 121 -11.62 0.11 5.40
C VAL A 121 -12.73 1.14 5.33
N GLN A 122 -12.50 2.21 4.57
CA GLN A 122 -13.48 3.28 4.42
C GLN A 122 -14.75 2.76 3.77
N TRP A 123 -14.59 1.99 2.69
CA TRP A 123 -15.76 1.52 1.94
C TRP A 123 -16.59 0.55 2.78
N LYS A 124 -15.94 -0.43 3.41
CA LYS A 124 -16.66 -1.37 4.28
C LYS A 124 -17.49 -0.62 5.31
N ASN A 125 -16.93 0.43 5.90
CA ASN A 125 -17.63 1.10 6.98
C ASN A 125 -18.75 1.98 6.45
N GLU A 126 -18.53 2.64 5.32
CA GLU A 126 -19.60 3.38 4.66
C GLU A 126 -20.78 2.45 4.39
N ARG A 127 -20.48 1.23 3.95
CA ARG A 127 -21.53 0.24 3.71
C ARG A 127 -22.25 -0.13 5.00
N MET A 128 -21.49 -0.47 6.04
CA MET A 128 -22.09 -0.87 7.31
C MET A 128 -22.95 0.25 7.90
N LEU A 129 -22.45 1.49 7.84
CA LEU A 129 -23.23 2.62 8.36
C LEU A 129 -24.56 2.77 7.62
N GLN A 130 -24.55 2.53 6.31
CA GLN A 130 -25.77 2.67 5.52
C GLN A 130 -26.85 1.71 5.99
N TRP A 131 -26.45 0.48 6.33
CA TRP A 131 -27.42 -0.50 6.83
C TRP A 131 -27.85 -0.19 8.25
N LEU A 132 -26.89 0.11 9.13
CA LEU A 132 -27.19 0.30 10.54
C LEU A 132 -28.01 1.55 10.80
N SER A 133 -27.94 2.54 9.92
CA SER A 133 -28.68 3.79 10.11
C SER A 133 -30.05 3.78 9.44
N VAL A 134 -30.42 2.69 8.77
CA VAL A 134 -31.79 2.54 8.29
C VAL A 134 -32.73 2.71 9.49
N ASP A 135 -33.82 3.45 9.29
CA ASP A 135 -34.67 3.88 10.40
C ASP A 135 -35.09 2.71 11.29
N TRP A 136 -35.72 1.68 10.68
CA TRP A 136 -36.20 0.56 11.47
C TRP A 136 -35.05 -0.25 12.07
N LYS A 137 -33.89 -0.24 11.41
CA LYS A 137 -32.74 -0.97 11.94
C LYS A 137 -32.16 -0.25 13.15
N HIS A 138 -31.97 1.06 13.05
CA HIS A 138 -31.47 1.83 14.19
C HIS A 138 -32.45 1.75 15.36
N LYS A 139 -33.75 1.71 15.07
CA LYS A 139 -34.76 1.69 16.12
C LYS A 139 -34.71 0.39 16.92
N GLU A 140 -34.71 -0.76 16.22
CA GLU A 140 -34.68 -2.04 16.93
C GLU A 140 -33.36 -2.26 17.65
N ASP A 141 -32.25 -1.78 17.09
CA ASP A 141 -30.96 -1.94 17.75
C ASP A 141 -30.90 -1.13 19.04
N GLU A 142 -31.44 0.09 19.03
CA GLU A 142 -31.46 0.88 20.25
C GLU A 142 -32.38 0.26 21.29
N THR A 143 -33.46 -0.38 20.84
CA THR A 143 -34.41 -0.99 21.77
C THR A 143 -33.81 -2.20 22.47
N PHE A 144 -33.06 -3.03 21.75
CA PHE A 144 -32.67 -4.34 22.25
C PHE A 144 -31.22 -4.42 22.75
N GLU A 145 -30.36 -3.48 22.36
CA GLU A 145 -28.96 -3.59 22.75
C GLU A 145 -28.69 -3.05 24.14
N HIS A 146 -29.49 -2.10 24.61
CA HIS A 146 -29.15 -1.33 25.81
C HIS A 146 -29.98 -1.65 27.04
N TYR A 147 -31.19 -2.21 26.87
CA TYR A 147 -32.10 -2.41 27.98
C TYR A 147 -32.32 -3.91 28.20
N LYS A 148 -32.20 -4.34 29.45
CA LYS A 148 -32.67 -5.66 29.81
C LYS A 148 -34.20 -5.69 29.91
N SER A 149 -34.82 -4.50 30.00
CA SER A 149 -36.29 -4.43 30.02
C SER A 149 -36.87 -4.98 28.72
N SER A 150 -36.20 -4.76 27.59
CA SER A 150 -36.68 -5.24 26.31
C SER A 150 -36.29 -6.69 26.04
N LYS A 151 -35.34 -7.24 26.81
CA LYS A 151 -34.92 -8.61 26.62
C LYS A 151 -35.75 -9.60 27.42
N PHE A 152 -36.10 -9.26 28.66
CA PHE A 152 -36.77 -10.18 29.57
C PHE A 152 -38.21 -9.77 29.79
N THR A 153 -39.05 -10.77 30.08
CA THR A 153 -40.48 -10.55 30.23
C THR A 153 -40.84 -9.89 31.55
N ASN A 154 -40.00 -10.03 32.57
CA ASN A 154 -40.27 -9.47 33.88
C ASN A 154 -38.96 -9.32 34.64
N VAL A 155 -39.05 -8.78 35.86
CA VAL A 155 -37.85 -8.51 36.65
C VAL A 155 -37.16 -9.78 37.16
N LEU A 156 -37.79 -10.95 36.98
CA LEU A 156 -37.13 -12.19 37.33
C LEU A 156 -35.97 -12.52 36.40
N HIS A 157 -35.99 -12.00 35.16
CA HIS A 157 -34.86 -12.13 34.23
C HIS A 157 -34.57 -13.59 33.90
N ILE A 158 -35.63 -14.39 33.73
CA ILE A 158 -35.52 -15.78 33.28
C ILE A 158 -35.97 -15.92 31.83
N LYS A 159 -37.24 -15.64 31.55
CA LYS A 159 -37.80 -15.84 30.23
C LYS A 159 -37.50 -14.63 29.35
N LYS A 160 -37.01 -14.88 28.14
CA LYS A 160 -36.68 -13.81 27.21
C LYS A 160 -37.88 -13.50 26.33
N LYS A 161 -38.05 -12.23 26.00
CA LYS A 161 -39.16 -11.83 25.15
C LYS A 161 -38.99 -12.40 23.75
N LYS A 162 -40.11 -12.81 23.15
CA LYS A 162 -40.11 -13.43 21.83
C LYS A 162 -39.45 -12.52 20.80
N LYS A 163 -39.78 -11.22 20.83
CA LYS A 163 -39.24 -10.32 19.83
C LYS A 163 -37.74 -10.07 20.01
N TRP A 164 -37.25 -10.13 21.25
CA TRP A 164 -35.81 -10.06 21.46
C TRP A 164 -35.11 -11.27 20.84
N THR A 165 -35.66 -12.45 21.08
CA THR A 165 -35.08 -13.67 20.53
C THR A 165 -35.06 -13.63 19.01
N LYS A 166 -36.18 -13.19 18.41
CA LYS A 166 -36.22 -13.03 16.95
C LYS A 166 -35.14 -12.05 16.48
N TRP A 167 -35.00 -10.92 17.18
CA TRP A 167 -34.01 -9.93 16.80
C TRP A 167 -32.59 -10.49 16.95
N LYS A 168 -32.31 -11.14 18.07
CA LYS A 168 -30.96 -11.66 18.31
C LYS A 168 -30.58 -12.73 17.29
N GLU A 169 -31.51 -13.64 16.96
CA GLU A 169 -31.21 -14.67 15.99
C GLU A 169 -31.03 -14.10 14.59
N ARG A 170 -31.88 -13.15 14.21
CA ARG A 170 -31.77 -12.54 12.88
C ARG A 170 -30.48 -11.74 12.76
N THR A 171 -30.17 -10.90 13.75
CA THR A 171 -28.97 -10.07 13.66
C THR A 171 -27.70 -10.91 13.79
N ASN A 172 -27.73 -12.01 14.54
CA ASN A 172 -26.58 -12.89 14.60
C ASN A 172 -26.27 -13.47 13.23
N LYS A 173 -27.29 -14.01 12.55
CA LYS A 173 -27.08 -14.66 11.26
C LYS A 173 -26.66 -13.63 10.20
N GLU A 174 -27.20 -12.41 10.28
CA GLU A 174 -26.84 -11.39 9.29
C GLU A 174 -25.42 -10.88 9.53
N LYS A 175 -24.98 -10.81 10.79
CA LYS A 175 -23.59 -10.48 11.05
C LYS A 175 -22.65 -11.56 10.53
N GLU A 176 -23.03 -12.83 10.65
CA GLU A 176 -22.22 -13.92 10.12
C GLU A 176 -22.15 -13.84 8.60
N GLU A 177 -23.28 -13.58 7.93
CA GLU A 177 -23.27 -13.43 6.48
C GLU A 177 -22.37 -12.27 6.06
N TRP A 178 -22.49 -11.13 6.76
CA TRP A 178 -21.66 -9.98 6.43
C TRP A 178 -20.18 -10.29 6.64
N ASN A 179 -19.84 -10.97 7.74
CA ASN A 179 -18.44 -11.29 8.01
C ASN A 179 -17.87 -12.23 6.95
N ASN A 180 -18.68 -13.21 6.52
CA ASN A 180 -18.24 -14.12 5.46
C ASN A 180 -18.05 -13.39 4.14
N TRP A 181 -18.97 -12.47 3.82
CA TRP A 181 -18.83 -11.70 2.59
C TRP A 181 -17.57 -10.84 2.62
N VAL A 182 -17.32 -10.18 3.74
CA VAL A 182 -16.14 -9.31 3.84
C VAL A 182 -14.86 -10.12 3.70
N LYS A 183 -14.80 -11.28 4.36
CA LYS A 183 -13.58 -12.08 4.32
C LYS A 183 -13.32 -12.65 2.92
N GLY A 184 -14.36 -12.80 2.11
CA GLY A 184 -14.18 -13.22 0.74
C GLY A 184 -13.59 -12.17 -0.17
N LYS A 185 -13.68 -10.88 0.23
CA LYS A 185 -13.14 -9.78 -0.55
C LYS A 185 -11.89 -9.16 0.05
N GLU A 186 -11.66 -9.36 1.36
CA GLU A 186 -10.64 -8.59 2.06
C GLU A 186 -9.24 -8.82 1.52
N ASN A 187 -8.95 -10.04 1.07
CA ASN A 187 -7.60 -10.35 0.60
C ASN A 187 -7.19 -9.53 -0.61
N LEU A 188 -8.16 -8.91 -1.31
CA LEU A 188 -7.83 -8.05 -2.45
C LEU A 188 -7.16 -6.76 -2.02
N TYR A 189 -7.36 -6.34 -0.78
CA TYR A 189 -6.94 -5.02 -0.33
C TYR A 189 -6.07 -5.05 0.92
N VAL A 190 -6.11 -6.13 1.70
CA VAL A 190 -5.44 -6.20 3.00
C VAL A 190 -4.41 -7.33 2.92
N ASN A 191 -3.16 -7.01 3.23
CA ASN A 191 -2.05 -7.94 3.09
C ASN A 191 -2.03 -8.53 1.68
N ASN A 192 -2.30 -7.69 0.69
CA ASN A 192 -2.51 -8.14 -0.67
C ASN A 192 -1.20 -8.25 -1.43
N LYS A 193 -1.10 -9.29 -2.25
CA LYS A 193 0.04 -9.52 -3.14
C LYS A 193 -0.45 -9.16 -4.53
N TRP A 194 -0.08 -7.98 -4.99
CA TRP A 194 -0.49 -7.54 -6.32
C TRP A 194 0.53 -8.04 -7.32
N ASP A 195 0.14 -9.07 -8.09
CA ASP A 195 1.08 -9.72 -9.00
C ASP A 195 1.67 -8.72 -10.01
N LYS A 196 0.85 -7.79 -10.49
CA LYS A 196 1.35 -6.81 -11.45
C LYS A 196 2.47 -5.96 -10.85
N TRP A 197 2.32 -5.56 -9.59
CA TRP A 197 3.37 -4.79 -8.93
C TRP A 197 4.61 -5.66 -8.69
N LEU A 198 4.42 -6.91 -8.28
CA LEU A 198 5.55 -7.79 -8.04
C LEU A 198 6.34 -8.05 -9.33
N LYS A 199 5.63 -8.25 -10.45
CA LYS A 199 6.31 -8.43 -11.73
C LYS A 199 6.97 -7.13 -12.17
N TRP A 200 6.32 -5.99 -11.92
CA TRP A 200 6.90 -4.69 -12.26
C TRP A 200 8.20 -4.46 -11.50
N LYS A 201 8.22 -4.80 -10.21
CA LYS A 201 9.43 -4.62 -9.40
C LYS A 201 10.57 -5.46 -9.95
N LYS A 202 10.31 -6.74 -10.22
CA LYS A 202 11.38 -7.62 -10.71
C LYS A 202 11.88 -7.15 -12.08
N ASP A 203 10.98 -6.71 -12.96
CA ASP A 203 11.39 -6.25 -14.28
C ASP A 203 12.21 -4.97 -14.18
N LYS A 204 11.80 -4.03 -13.33
CA LYS A 204 12.55 -2.78 -13.21
C LYS A 204 13.91 -3.01 -12.57
N ARG A 205 14.00 -3.88 -11.56
CA ARG A 205 15.29 -4.20 -10.95
C ARG A 205 16.27 -4.71 -12.01
N ALA A 206 15.81 -5.63 -12.86
CA ALA A 206 16.69 -6.20 -13.88
C ALA A 206 17.10 -5.13 -14.90
N LEU A 207 16.13 -4.34 -15.38
CA LEU A 207 16.44 -3.30 -16.35
C LEU A 207 17.37 -2.25 -15.76
N TYR A 208 17.05 -1.76 -14.57
CA TYR A 208 17.84 -0.65 -14.00
C TYR A 208 19.21 -1.11 -13.51
N SER A 209 19.35 -2.39 -13.16
CA SER A 209 20.68 -2.92 -12.86
CA SER A 209 20.68 -2.92 -12.86
C SER A 209 21.59 -2.81 -14.08
N GLN A 210 21.07 -3.12 -15.26
CA GLN A 210 21.85 -2.96 -16.48
C GLN A 210 22.06 -1.48 -16.81
N LYS A 211 21.10 -0.63 -16.46
CA LYS A 211 21.28 0.81 -16.64
C LYS A 211 22.39 1.32 -15.73
N PHE A 212 22.47 0.81 -14.50
CA PHE A 212 23.55 1.19 -13.60
C PHE A 212 24.91 0.82 -14.19
N LEU A 213 25.03 -0.42 -14.69
CA LEU A 213 26.30 -0.88 -15.25
C LEU A 213 26.70 -0.03 -16.45
N THR A 214 25.73 0.34 -17.29
CA THR A 214 26.03 1.20 -18.44
C THR A 214 26.52 2.56 -17.97
N PHE A 215 25.88 3.12 -16.94
CA PHE A 215 26.31 4.41 -16.40
C PHE A 215 27.70 4.32 -15.78
N ILE A 216 27.95 3.25 -15.03
CA ILE A 216 29.27 3.07 -14.40
C ILE A 216 30.38 3.03 -15.45
N ASN A 217 30.12 2.37 -16.58
CA ASN A 217 31.11 2.30 -17.65
C ASN A 217 31.42 3.69 -18.21
N LYS A 218 30.40 4.55 -18.31
CA LYS A 218 30.64 5.92 -18.78
C LYS A 218 31.37 6.74 -17.73
N TRP A 219 30.96 6.62 -16.46
CA TRP A 219 31.66 7.26 -15.37
C TRP A 219 33.16 6.91 -15.39
N ILE A 220 33.47 5.65 -15.67
CA ILE A 220 34.87 5.22 -15.71
C ILE A 220 35.56 5.77 -16.95
N SER A 221 34.90 5.71 -18.11
CA SER A 221 35.54 6.15 -19.34
C SER A 221 35.82 7.65 -19.32
N ASP A 222 35.00 8.42 -18.60
CA ASP A 222 35.22 9.84 -18.44
C ASP A 222 36.08 10.20 -17.24
N LYS A 223 36.58 9.20 -16.50
CA LYS A 223 37.40 9.43 -15.30
C LYS A 223 36.73 10.45 -14.39
N GLN A 224 35.44 10.23 -14.12
CA GLN A 224 34.61 11.23 -13.45
C GLN A 224 35.09 11.56 -12.04
N TRP A 225 35.89 10.68 -11.43
CA TRP A 225 36.40 10.98 -10.10
C TRP A 225 37.32 12.20 -10.08
N THR A 226 37.92 12.55 -11.22
CA THR A 226 38.73 13.77 -11.27
C THR A 226 37.86 15.00 -11.07
N VAL A 227 36.59 14.95 -11.47
CA VAL A 227 35.66 16.04 -11.21
C VAL A 227 35.31 16.08 -9.72
N TRP A 228 35.11 14.91 -9.11
CA TRP A 228 34.87 14.84 -7.67
C TRP A 228 36.01 15.48 -6.90
N ILE A 229 37.25 15.19 -7.28
CA ILE A 229 38.40 15.73 -6.57
C ILE A 229 38.43 17.25 -6.70
N GLU A 230 38.17 17.76 -7.90
CA GLU A 230 38.20 19.20 -8.12
C GLU A 230 37.03 19.89 -7.40
N ASP A 231 35.87 19.23 -7.36
CA ASP A 231 34.75 19.74 -6.58
C ASP A 231 35.11 19.91 -5.11
N GLN A 232 35.94 19.02 -4.58
CA GLN A 232 36.31 19.02 -3.18
C GLN A 232 37.50 19.93 -2.87
N GLY A 233 38.01 20.65 -3.86
CA GLY A 233 39.12 21.56 -3.66
C GLY A 233 40.43 21.13 -4.28
N GLY A 234 40.49 19.95 -4.90
CA GLY A 234 41.75 19.47 -5.44
C GLY A 234 42.14 20.17 -6.73
N SER A 235 43.43 20.06 -7.05
CA SER A 235 43.95 20.59 -8.30
C SER A 235 44.17 19.47 -9.31
#